data_4QTC
#
_entry.id   4QTC
#
_cell.length_a   77.890
_cell.length_b   78.360
_cell.length_c   81.750
_cell.angle_alpha   90.00
_cell.angle_beta   90.00
_cell.angle_gamma   90.00
#
_symmetry.space_group_name_H-M   'P 21 21 21'
#
loop_
_entity.id
_entity.type
_entity.pdbx_description
1 polymer 'Serine/threonine-protein kinase haspin'
2 non-polymer (4S)-2-METHYL-2,4-PENTANEDIOL
3 non-polymer GLYCEROL
4 non-polymer (3R)-1-(2-oxo-2-{4-[4-(pyrimidin-2-yl)phenyl]piperazin-1-yl}ethyl)-N-[3-(pyridin-4-yl)-2H-indazol-5-yl]pyrrolidine-3-carboxamide
5 water water
#
_entity_poly.entity_id   1
_entity_poly.type   'polypeptide(L)'
_entity_poly.pdbx_seq_one_letter_code
;MHHHHHHSSGVDLGTENLYFQSMGECSQKGPVPFSHCLPTEKLQRCEKIGEGVFGEVFQTIADHTPVAIKIIAIEGPDLV
NGSHQKTFEEILPEIIISKELSLLSGEVCNRTEGFIGLNSVHCVQGSYPPLLLKAWDHYNSTKGSANDRPDFFKDDQLFI
VLEFEFGGIDLEQMRTKLSSLATAKSILHQLTASLAVAEASLRFEHRDLHWGNVLLKKTSLKKLHYTLNGKSSTIPSCGL
QVSIIDYTLSRLERDGIVVFCDVSMDEDLFTGDGDYQFDIYRLMKKENNNRWGEYHPYSNVLWLHYLTDKMLKQMTFKTK
CNTPAMKQIKRKIQEFHRTMLNFSSATDLLCQHSLFK
;
_entity_poly.pdbx_strand_id   A
#
loop_
_chem_comp.id
_chem_comp.type
_chem_comp.name
_chem_comp.formula
38Z non-polymer (3R)-1-(2-oxo-2-{4-[4-(pyrimidin-2-yl)phenyl]piperazin-1-yl}ethyl)-N-[3-(pyridin-4-yl)-2H-indazol-5-yl]pyrrolidine-3-carboxamide 'C33 H33 N9 O2'
GOL non-polymer GLYCEROL 'C3 H8 O3'
MPD non-polymer (4S)-2-METHYL-2,4-PENTANEDIOL 'C6 H14 O2'
#
# COMPACT_ATOMS: atom_id res chain seq x y z
N GLN A 28 -7.95 -7.81 -23.82
CA GLN A 28 -7.56 -9.19 -24.24
C GLN A 28 -7.51 -9.37 -25.77
N LYS A 29 -7.32 -8.27 -26.50
CA LYS A 29 -7.11 -8.32 -27.96
C LYS A 29 -5.61 -8.35 -28.29
N GLY A 30 -4.80 -8.97 -27.42
CA GLY A 30 -3.34 -8.91 -27.52
C GLY A 30 -2.79 -7.62 -26.91
N PRO A 31 -1.46 -7.54 -26.78
CA PRO A 31 -0.85 -6.31 -26.25
C PRO A 31 -1.11 -5.06 -27.04
N VAL A 32 -1.11 -3.91 -26.37
CA VAL A 32 -1.30 -2.59 -26.94
C VAL A 32 0.00 -1.80 -26.87
N PRO A 33 0.15 -0.75 -27.69
CA PRO A 33 1.33 0.10 -27.59
C PRO A 33 1.28 0.99 -26.40
N PHE A 34 2.45 1.46 -25.96
CA PHE A 34 2.46 2.41 -24.87
C PHE A 34 1.47 3.56 -25.10
N SER A 35 1.37 4.03 -26.34
CA SER A 35 0.51 5.17 -26.65
C SER A 35 -0.97 4.91 -26.28
N HIS A 36 -1.39 3.66 -26.16
CA HIS A 36 -2.73 3.34 -25.76
C HIS A 36 -3.02 3.87 -24.33
N CYS A 37 -2.08 3.66 -23.42
CA CYS A 37 -2.17 4.11 -21.99
C CYS A 37 -1.65 5.49 -21.77
N LEU A 38 -0.70 5.85 -22.60
CA LEU A 38 -0.01 7.07 -22.45
C LEU A 38 0.04 7.79 -23.80
N PRO A 39 -1.09 8.36 -24.19
CA PRO A 39 -1.09 9.18 -25.36
C PRO A 39 -0.17 10.38 -25.14
N THR A 40 0.20 11.04 -26.22
CA THR A 40 1.24 12.06 -26.15
C THR A 40 1.15 13.03 -24.96
N GLU A 41 0.03 13.69 -24.77
CA GLU A 41 -0.06 14.70 -23.72
C GLU A 41 0.12 14.06 -22.32
N LYS A 42 -0.44 12.90 -22.12
CA LYS A 42 -0.32 12.17 -20.86
C LYS A 42 1.13 11.74 -20.63
N LEU A 43 1.80 11.30 -21.69
CA LEU A 43 3.20 10.97 -21.61
C LEU A 43 4.06 12.17 -21.28
N GLN A 44 3.76 13.27 -21.94
CA GLN A 44 4.52 14.51 -21.70
C GLN A 44 4.42 15.03 -20.28
N ARG A 45 3.36 14.69 -19.56
CA ARG A 45 3.13 15.17 -18.22
C ARG A 45 3.64 14.18 -17.17
N CYS A 46 4.23 13.05 -17.61
CA CYS A 46 4.76 12.07 -16.64
C CYS A 46 5.97 12.62 -15.86
N GLU A 47 5.91 12.43 -14.55
CA GLU A 47 7.05 12.69 -13.63
CA GLU A 47 7.05 12.68 -13.67
C GLU A 47 7.24 11.44 -12.80
N LYS A 48 8.46 10.97 -12.63
CA LYS A 48 8.69 9.82 -11.82
C LYS A 48 8.50 10.15 -10.35
N ILE A 49 7.79 9.31 -9.64
CA ILE A 49 7.55 9.47 -8.19
C ILE A 49 7.96 8.26 -7.35
N GLY A 50 8.27 7.12 -7.95
CA GLY A 50 8.60 5.97 -7.15
C GLY A 50 9.22 4.88 -7.97
N GLU A 51 9.66 3.83 -7.29
CA GLU A 51 10.40 2.74 -7.95
C GLU A 51 10.49 1.59 -7.01
N GLY A 52 10.80 0.45 -7.54
CA GLY A 52 11.15 -0.72 -6.77
C GLY A 52 11.83 -1.72 -7.68
N VAL A 53 12.20 -2.89 -7.16
CA VAL A 53 12.76 -3.90 -8.04
C VAL A 53 11.78 -4.17 -9.22
N PHE A 54 10.46 -4.08 -8.94
CA PHE A 54 9.45 -4.32 -9.95
C PHE A 54 9.50 -3.40 -11.17
N GLY A 55 10.14 -2.21 -11.07
CA GLY A 55 9.99 -1.21 -12.07
C GLY A 55 9.80 0.16 -11.55
N GLU A 56 8.91 0.92 -12.19
CA GLU A 56 8.86 2.37 -12.09
C GLU A 56 7.45 2.84 -11.82
N VAL A 57 7.32 3.99 -11.15
CA VAL A 57 6.05 4.63 -10.94
C VAL A 57 6.11 6.06 -11.34
N PHE A 58 5.20 6.46 -12.25
CA PHE A 58 5.11 7.83 -12.77
C PHE A 58 3.82 8.45 -12.35
N GLN A 59 3.83 9.72 -12.06
CA GLN A 59 2.57 10.48 -11.86
C GLN A 59 2.33 11.23 -13.12
N THR A 60 1.09 11.31 -13.54
CA THR A 60 0.68 12.12 -14.67
C THR A 60 -0.71 12.62 -14.45
N ILE A 61 -1.28 13.22 -15.47
CA ILE A 61 -2.59 13.92 -15.39
CA ILE A 61 -2.59 13.82 -15.33
C ILE A 61 -3.39 13.53 -16.58
N ALA A 62 -4.65 13.25 -16.38
CA ALA A 62 -5.57 13.16 -17.52
C ALA A 62 -6.92 13.59 -16.99
N ASP A 63 -7.66 14.28 -17.85
CA ASP A 63 -8.91 14.89 -17.45
C ASP A 63 -8.76 15.60 -16.11
N HIS A 64 -7.68 16.40 -16.06
CA HIS A 64 -7.39 17.32 -14.93
C HIS A 64 -7.11 16.65 -13.59
N THR A 65 -6.88 15.35 -13.63
CA THR A 65 -6.86 14.53 -12.43
C THR A 65 -5.56 13.71 -12.37
N PRO A 66 -4.84 13.81 -11.27
CA PRO A 66 -3.59 13.05 -11.16
C PRO A 66 -3.84 11.57 -11.06
N VAL A 67 -2.93 10.81 -11.68
CA VAL A 67 -2.92 9.38 -11.60
C VAL A 67 -1.50 8.90 -11.43
N ALA A 68 -1.36 7.68 -10.91
CA ALA A 68 -0.06 7.05 -10.75
C ALA A 68 0.00 5.84 -11.60
N ILE A 69 1.05 5.71 -12.40
CA ILE A 69 1.21 4.66 -13.40
CA ILE A 69 1.17 4.61 -13.33
C ILE A 69 2.39 3.77 -12.96
N LYS A 70 2.12 2.50 -12.68
CA LYS A 70 3.16 1.53 -12.29
C LYS A 70 3.42 0.62 -13.45
N ILE A 71 4.69 0.56 -13.89
CA ILE A 71 5.08 -0.12 -15.12
C ILE A 71 6.06 -1.25 -14.77
N ILE A 72 5.68 -2.47 -15.11
CA ILE A 72 6.42 -3.68 -14.71
C ILE A 72 6.72 -4.46 -15.99
N ALA A 73 8.01 -4.68 -16.28
CA ALA A 73 8.41 -5.57 -17.42
C ALA A 73 8.08 -7.01 -17.08
N ILE A 74 7.50 -7.74 -18.03
CA ILE A 74 7.20 -9.15 -17.84
C ILE A 74 7.68 -9.99 -19.01
N GLU A 75 7.90 -11.28 -18.73
CA GLU A 75 7.99 -12.36 -19.74
C GLU A 75 9.35 -12.41 -20.46
N GLY A 76 10.26 -11.47 -20.23
CA GLY A 76 11.53 -11.47 -20.93
C GLY A 76 12.69 -12.03 -20.13
N PRO A 77 13.86 -12.19 -20.81
CA PRO A 77 14.95 -12.94 -20.17
C PRO A 77 15.95 -12.04 -19.47
N ASP A 78 15.88 -10.74 -19.66
CA ASP A 78 16.86 -9.85 -19.05
C ASP A 78 16.60 -9.75 -17.57
N LEU A 79 17.67 -9.71 -16.80
CA LEU A 79 17.56 -9.21 -15.45
C LEU A 79 17.12 -7.75 -15.55
N VAL A 80 16.23 -7.35 -14.64
CA VAL A 80 15.81 -5.97 -14.50
C VAL A 80 15.99 -5.63 -13.03
N ASN A 81 16.77 -4.61 -12.74
CA ASN A 81 17.04 -4.22 -11.36
C ASN A 81 17.52 -5.39 -10.53
N GLY A 82 18.30 -6.24 -11.21
CA GLY A 82 18.94 -7.36 -10.51
C GLY A 82 18.15 -8.63 -10.40
N SER A 83 16.89 -8.63 -10.82
CA SER A 83 16.01 -9.77 -10.67
C SER A 83 15.38 -10.20 -11.98
N HIS A 84 14.96 -11.46 -12.08
CA HIS A 84 14.22 -11.90 -13.24
C HIS A 84 12.87 -11.29 -13.33
N GLN A 85 12.42 -11.12 -14.57
CA GLN A 85 11.09 -10.64 -14.80
C GLN A 85 10.06 -11.71 -14.46
N LYS A 86 8.92 -11.28 -13.93
CA LYS A 86 7.78 -12.20 -13.75
C LYS A 86 7.14 -12.60 -15.04
N THR A 87 6.55 -13.80 -15.13
CA THR A 87 5.74 -14.17 -16.21
C THR A 87 4.36 -13.59 -16.00
N PHE A 88 3.55 -13.63 -17.04
CA PHE A 88 2.17 -13.14 -16.88
C PHE A 88 1.45 -13.94 -15.76
N GLU A 89 1.61 -15.26 -15.72
CA GLU A 89 0.97 -16.05 -14.65
C GLU A 89 1.41 -15.55 -13.26
N GLU A 90 2.66 -15.13 -13.15
CA GLU A 90 3.23 -14.67 -11.91
C GLU A 90 2.81 -13.20 -11.49
N ILE A 91 2.43 -12.42 -12.49
CA ILE A 91 1.99 -11.04 -12.23
C ILE A 91 0.49 -11.00 -11.91
N LEU A 92 -0.22 -12.07 -12.24
CA LEU A 92 -1.66 -12.10 -12.07
C LEU A 92 -2.11 -11.86 -10.63
N PRO A 93 -1.47 -12.46 -9.63
CA PRO A 93 -1.90 -12.22 -8.28
C PRO A 93 -1.98 -10.74 -7.92
N GLU A 94 -0.97 -9.97 -8.34
CA GLU A 94 -0.98 -8.53 -8.05
C GLU A 94 -2.16 -7.84 -8.68
N ILE A 95 -2.44 -8.21 -9.91
CA ILE A 95 -3.52 -7.62 -10.62
C ILE A 95 -4.84 -7.95 -9.92
N ILE A 96 -5.04 -9.22 -9.59
CA ILE A 96 -6.22 -9.70 -8.96
C ILE A 96 -6.47 -9.02 -7.61
N ILE A 97 -5.43 -8.99 -6.78
CA ILE A 97 -5.60 -8.44 -5.46
C ILE A 97 -5.84 -6.92 -5.54
N SER A 98 -5.11 -6.23 -6.41
CA SER A 98 -5.30 -4.81 -6.57
C SER A 98 -6.74 -4.51 -6.94
N LYS A 99 -7.31 -5.32 -7.84
CA LYS A 99 -8.69 -5.09 -8.27
C LYS A 99 -9.67 -5.37 -7.19
N GLU A 100 -9.52 -6.53 -6.51
CA GLU A 100 -10.47 -6.88 -5.45
C GLU A 100 -10.55 -5.84 -4.35
N LEU A 101 -9.38 -5.31 -3.97
CA LEU A 101 -9.35 -4.34 -2.86
C LEU A 101 -9.88 -2.97 -3.31
N SER A 102 -9.60 -2.59 -4.56
CA SER A 102 -10.16 -1.38 -5.13
C SER A 102 -11.70 -1.45 -5.18
N LEU A 103 -12.21 -2.62 -5.54
CA LEU A 103 -13.66 -2.78 -5.69
C LEU A 103 -14.43 -2.67 -4.37
N LEU A 104 -13.71 -2.77 -3.25
CA LEU A 104 -14.37 -2.58 -1.97
C LEU A 104 -14.95 -1.19 -1.84
N SER A 105 -14.49 -0.22 -2.65
CA SER A 105 -15.07 1.11 -2.54
C SER A 105 -16.50 1.22 -3.04
N GLY A 106 -16.92 0.22 -3.81
CA GLY A 106 -18.29 0.16 -4.39
C GLY A 106 -19.15 -0.91 -3.82
N GLU A 107 -18.71 -1.60 -2.77
CA GLU A 107 -19.50 -2.67 -2.17
C GLU A 107 -20.45 -2.15 -1.12
N VAL A 108 -21.26 -3.01 -0.49
CA VAL A 108 -22.32 -2.58 0.38
C VAL A 108 -22.11 -3.05 1.80
N CYS A 109 -22.01 -4.35 2.01
CA CYS A 109 -21.85 -4.87 3.36
C CYS A 109 -20.46 -4.64 3.94
N ASN A 110 -19.47 -4.72 3.07
CA ASN A 110 -18.06 -4.50 3.46
C ASN A 110 -17.48 -3.54 2.47
N ARG A 111 -17.46 -2.26 2.87
CA ARG A 111 -17.16 -1.09 2.02
CA ARG A 111 -17.08 -1.17 1.99
C ARG A 111 -16.03 -0.30 2.65
N THR A 112 -14.99 -0.03 1.87
CA THR A 112 -13.93 0.89 2.28
C THR A 112 -13.30 1.51 1.06
N GLU A 113 -12.85 2.76 1.20
CA GLU A 113 -12.07 3.42 0.17
C GLU A 113 -10.59 3.45 0.57
N GLY A 114 -10.16 2.68 1.57
CA GLY A 114 -8.82 2.84 2.09
C GLY A 114 -7.72 2.08 1.42
N PHE A 115 -8.02 1.32 0.36
CA PHE A 115 -7.04 0.74 -0.52
C PHE A 115 -6.87 1.60 -1.74
N ILE A 116 -5.73 1.54 -2.34
CA ILE A 116 -5.54 2.43 -3.54
C ILE A 116 -6.50 2.04 -4.67
N GLY A 117 -7.12 3.04 -5.24
CA GLY A 117 -8.04 2.82 -6.35
C GLY A 117 -7.31 2.43 -7.61
N LEU A 118 -7.82 1.40 -8.28
CA LEU A 118 -7.25 0.90 -9.53
C LEU A 118 -8.12 1.33 -10.70
N ASN A 119 -7.60 2.19 -11.56
CA ASN A 119 -8.38 2.70 -12.72
C ASN A 119 -8.35 1.72 -13.89
N SER A 120 -7.21 1.11 -14.19
CA SER A 120 -7.08 0.26 -15.34
C SER A 120 -5.83 -0.60 -15.28
N VAL A 121 -5.81 -1.66 -16.07
CA VAL A 121 -4.61 -2.47 -16.25
C VAL A 121 -4.50 -2.80 -17.68
N HIS A 122 -3.31 -2.66 -18.24
CA HIS A 122 -3.03 -3.02 -19.65
C HIS A 122 -1.77 -3.84 -19.75
N CYS A 123 -1.72 -4.64 -20.80
CA CYS A 123 -0.50 -5.29 -21.25
C CYS A 123 -0.02 -4.55 -22.47
N VAL A 124 1.19 -3.99 -22.39
CA VAL A 124 1.74 -3.15 -23.36
C VAL A 124 2.98 -3.84 -23.96
N GLN A 125 3.25 -3.53 -25.24
CA GLN A 125 4.42 -4.06 -25.92
CA GLN A 125 4.44 -4.06 -25.92
C GLN A 125 5.21 -2.93 -26.56
N GLY A 126 6.49 -2.89 -26.35
CA GLY A 126 7.36 -1.93 -27.01
C GLY A 126 8.60 -1.59 -26.24
N SER A 127 9.53 -0.84 -26.83
CA SER A 127 10.64 -0.36 -26.10
C SER A 127 10.14 0.79 -25.17
N TYR A 128 10.98 1.16 -24.21
CA TYR A 128 10.55 2.16 -23.24
C TYR A 128 10.42 3.50 -23.90
N PRO A 129 9.36 4.25 -23.66
CA PRO A 129 9.21 5.55 -24.27
C PRO A 129 10.33 6.48 -23.92
N PRO A 130 10.93 7.13 -24.93
CA PRO A 130 11.90 8.15 -24.62
C PRO A 130 11.46 9.22 -23.64
N LEU A 131 10.21 9.61 -23.67
CA LEU A 131 9.72 10.60 -22.71
C LEU A 131 9.73 10.08 -21.26
N LEU A 132 9.49 8.78 -21.08
CA LEU A 132 9.61 8.23 -19.75
C LEU A 132 11.07 8.12 -19.30
N LEU A 133 11.98 7.87 -20.26
CA LEU A 133 13.43 7.87 -19.94
C LEU A 133 13.88 9.25 -19.51
N LYS A 134 13.34 10.27 -20.16
CA LYS A 134 13.62 11.66 -19.75
C LYS A 134 13.18 11.91 -18.30
N ALA A 135 11.98 11.45 -17.96
CA ALA A 135 11.53 11.55 -16.59
C ALA A 135 12.34 10.71 -15.59
N TRP A 136 12.72 9.53 -16.02
CA TRP A 136 13.58 8.66 -15.23
C TRP A 136 14.93 9.35 -14.88
N ASP A 137 15.50 9.96 -15.91
CA ASP A 137 16.79 10.67 -15.76
C ASP A 137 16.64 11.82 -14.81
N HIS A 138 15.57 12.61 -14.95
CA HIS A 138 15.37 13.73 -14.04
C HIS A 138 15.32 13.28 -12.59
N TYR A 139 14.60 12.19 -12.30
CA TYR A 139 14.56 11.64 -10.98
C TYR A 139 15.95 11.14 -10.50
N ASN A 140 16.65 10.45 -11.37
CA ASN A 140 17.98 9.93 -11.00
C ASN A 140 18.89 11.09 -10.59
N SER A 141 18.78 12.21 -11.31
CA SER A 141 19.70 13.38 -11.09
C SER A 141 19.39 14.09 -9.79
N THR A 142 18.14 14.08 -9.37
CA THR A 142 17.67 14.85 -8.21
C THR A 142 17.50 14.02 -6.94
N LYS A 143 16.96 12.80 -7.07
CA LYS A 143 16.72 11.94 -5.92
C LYS A 143 17.60 10.72 -5.90
N GLY A 144 18.16 10.33 -7.05
CA GLY A 144 18.96 9.13 -7.15
C GLY A 144 18.04 7.91 -7.31
N SER A 145 18.57 6.84 -7.88
CA SER A 145 17.77 5.62 -8.11
C SER A 145 18.59 4.40 -7.83
N ALA A 146 17.93 3.35 -7.33
CA ALA A 146 18.51 2.04 -7.16
C ALA A 146 18.38 1.18 -8.39
N ASN A 147 17.63 1.66 -9.38
CA ASN A 147 17.31 0.88 -10.56
C ASN A 147 18.23 1.07 -11.75
N ASP A 148 18.18 0.09 -12.64
CA ASP A 148 18.82 0.24 -13.94
C ASP A 148 18.04 1.25 -14.79
N ARG A 149 18.72 2.11 -15.54
CA ARG A 149 18.04 2.98 -16.49
C ARG A 149 17.32 2.06 -17.47
N PRO A 150 15.99 2.22 -17.65
CA PRO A 150 15.22 1.19 -18.39
C PRO A 150 15.28 1.43 -19.87
N ASP A 151 16.49 1.51 -20.42
CA ASP A 151 16.71 1.85 -21.83
C ASP A 151 17.15 0.70 -22.70
N PHE A 152 17.12 -0.50 -22.19
CA PHE A 152 17.65 -1.70 -22.82
C PHE A 152 16.59 -2.65 -23.37
N PHE A 153 15.32 -2.26 -23.22
CA PHE A 153 14.24 -3.06 -23.70
C PHE A 153 14.07 -2.92 -25.21
N LYS A 154 13.71 -4.02 -25.84
CA LYS A 154 13.47 -4.06 -27.28
C LYS A 154 12.01 -3.92 -27.59
N ASP A 155 11.68 -3.79 -28.88
CA ASP A 155 10.33 -3.53 -29.33
C ASP A 155 9.36 -4.67 -29.17
N ASP A 156 9.85 -5.86 -28.78
CA ASP A 156 9.00 -6.98 -28.40
C ASP A 156 8.74 -7.09 -26.93
N GLN A 157 9.32 -6.21 -26.13
CA GLN A 157 9.16 -6.33 -24.67
C GLN A 157 7.73 -6.13 -24.23
N LEU A 158 7.29 -7.00 -23.34
CA LEU A 158 5.99 -6.82 -22.68
C LEU A 158 6.10 -6.18 -21.32
N PHE A 159 5.06 -5.42 -20.98
CA PHE A 159 4.92 -4.77 -19.68
C PHE A 159 3.48 -4.90 -19.22
N ILE A 160 3.31 -4.85 -17.92
CA ILE A 160 2.00 -4.58 -17.32
C ILE A 160 2.03 -3.16 -16.85
N VAL A 161 1.01 -2.39 -17.22
CA VAL A 161 0.85 -1.00 -16.81
C VAL A 161 -0.39 -0.90 -15.94
N LEU A 162 -0.22 -0.62 -14.67
CA LEU A 162 -1.33 -0.48 -13.72
C LEU A 162 -1.53 1.02 -13.48
N GLU A 163 -2.73 1.54 -13.72
CA GLU A 163 -3.02 2.94 -13.49
C GLU A 163 -3.84 3.03 -12.23
N PHE A 164 -3.31 3.72 -11.25
CA PHE A 164 -3.97 3.92 -9.97
C PHE A 164 -4.41 5.33 -9.82
N GLU A 165 -5.39 5.53 -8.95
CA GLU A 165 -5.60 6.87 -8.40
CA GLU A 165 -5.60 6.88 -8.48
C GLU A 165 -4.31 7.37 -7.77
N PHE A 166 -4.09 8.67 -7.78
CA PHE A 166 -2.95 9.22 -7.06
C PHE A 166 -3.30 9.23 -5.57
N GLY A 167 -2.45 8.56 -4.80
CA GLY A 167 -2.68 8.38 -3.35
C GLY A 167 -1.91 9.29 -2.48
N GLY A 168 -1.00 10.08 -3.01
CA GLY A 168 -0.15 10.92 -2.15
C GLY A 168 1.20 10.37 -1.91
N ILE A 169 1.68 10.65 -0.70
CA ILE A 169 3.06 10.45 -0.29
CA ILE A 169 3.06 10.44 -0.30
C ILE A 169 3.06 9.50 0.89
N ASP A 170 4.09 8.65 1.01
CA ASP A 170 4.11 7.64 2.05
C ASP A 170 4.42 8.19 3.44
N LEU A 171 3.93 7.50 4.44
CA LEU A 171 4.09 7.85 5.83
C LEU A 171 5.59 8.05 6.19
N GLU A 172 6.47 7.18 5.69
CA GLU A 172 7.89 7.35 5.95
C GLU A 172 8.38 8.71 5.49
N GLN A 173 8.04 9.11 4.27
CA GLN A 173 8.44 10.42 3.77
C GLN A 173 7.81 11.57 4.50
N MET A 174 6.70 11.30 5.20
CA MET A 174 5.98 12.28 6.00
C MET A 174 6.36 12.25 7.48
N ARG A 175 7.48 11.61 7.80
CA ARG A 175 7.95 11.44 9.17
C ARG A 175 7.92 12.73 9.98
N THR A 176 8.24 13.84 9.35
CA THR A 176 8.34 15.12 10.05
C THR A 176 7.28 16.12 9.65
N LYS A 177 6.24 15.68 8.93
CA LYS A 177 5.37 16.61 8.24
C LYS A 177 3.95 16.64 8.79
N LEU A 178 3.62 15.77 9.72
CA LEU A 178 2.26 15.69 10.20
C LEU A 178 2.00 16.62 11.34
N SER A 179 0.75 16.96 11.56
CA SER A 179 0.37 17.98 12.54
C SER A 179 0.54 17.53 13.99
N SER A 180 0.00 16.39 14.36
CA SER A 180 -0.03 15.97 15.74
C SER A 180 -0.42 14.53 15.88
N LEU A 181 -0.35 14.00 17.08
CA LEU A 181 -0.78 12.64 17.35
C LEU A 181 -2.26 12.44 17.04
N ALA A 182 -3.08 13.48 16.98
CA ALA A 182 -4.48 13.32 16.53
C ALA A 182 -4.50 12.81 15.09
N THR A 183 -3.61 13.32 14.26
CA THR A 183 -3.44 12.84 12.92
C THR A 183 -2.99 11.38 12.91
N ALA A 184 -2.07 11.01 13.78
CA ALA A 184 -1.65 9.64 13.92
C ALA A 184 -2.81 8.75 14.23
N LYS A 185 -3.66 9.16 15.18
CA LYS A 185 -4.83 8.35 15.54
C LYS A 185 -5.72 8.14 14.31
N SER A 186 -5.98 9.18 13.54
CA SER A 186 -6.81 9.04 12.34
C SER A 186 -6.20 8.04 11.38
N ILE A 187 -4.90 8.10 11.16
CA ILE A 187 -4.26 7.19 10.25
C ILE A 187 -4.40 5.74 10.75
N LEU A 188 -4.16 5.52 12.05
CA LEU A 188 -4.26 4.17 12.57
C LEU A 188 -5.69 3.67 12.51
N HIS A 189 -6.66 4.55 12.74
CA HIS A 189 -8.08 4.16 12.65
C HIS A 189 -8.46 3.81 11.22
N GLN A 190 -8.05 4.65 10.27
CA GLN A 190 -8.30 4.38 8.86
C GLN A 190 -7.69 3.06 8.43
N LEU A 191 -6.45 2.80 8.80
CA LEU A 191 -5.81 1.56 8.43
C LEU A 191 -6.51 0.34 9.05
N THR A 192 -6.87 0.47 10.34
CA THR A 192 -7.51 -0.63 11.03
C THR A 192 -8.87 -0.95 10.38
N ALA A 193 -9.62 0.09 10.07
CA ALA A 193 -10.92 -0.11 9.44
C ALA A 193 -10.79 -0.73 8.07
N SER A 194 -9.84 -0.27 7.26
CA SER A 194 -9.69 -0.83 5.94
C SER A 194 -9.29 -2.29 5.98
N LEU A 195 -8.34 -2.65 6.87
CA LEU A 195 -7.93 -4.02 7.00
C LEU A 195 -9.10 -4.86 7.50
N ALA A 196 -9.90 -4.34 8.44
CA ALA A 196 -11.05 -5.12 8.96
C ALA A 196 -12.02 -5.42 7.84
N VAL A 197 -12.35 -4.41 7.05
CA VAL A 197 -13.29 -4.60 5.93
C VAL A 197 -12.77 -5.66 4.99
N ALA A 198 -11.49 -5.62 4.67
CA ALA A 198 -10.90 -6.59 3.78
C ALA A 198 -10.81 -8.00 4.39
N GLU A 199 -10.58 -8.08 5.70
CA GLU A 199 -10.69 -9.36 6.41
C GLU A 199 -12.09 -9.94 6.24
N ALA A 200 -13.08 -9.10 6.47
CA ALA A 200 -14.49 -9.58 6.49
C ALA A 200 -14.88 -10.00 5.09
N SER A 201 -14.49 -9.26 4.06
CA SER A 201 -14.93 -9.50 2.66
CA SER A 201 -14.97 -9.57 2.73
C SER A 201 -14.13 -10.59 1.98
N LEU A 202 -12.83 -10.62 2.22
CA LEU A 202 -11.87 -11.31 1.37
C LEU A 202 -10.87 -12.21 2.13
N ARG A 203 -11.00 -12.26 3.46
CA ARG A 203 -10.03 -12.98 4.29
C ARG A 203 -8.59 -12.55 3.92
N PHE A 204 -8.47 -11.22 3.88
CA PHE A 204 -7.25 -10.56 3.44
C PHE A 204 -6.22 -10.38 4.54
N GLU A 205 -4.97 -10.64 4.17
CA GLU A 205 -3.82 -10.18 4.95
C GLU A 205 -2.91 -9.43 4.04
N HIS A 206 -2.48 -8.24 4.46
CA HIS A 206 -1.58 -7.45 3.64
C HIS A 206 -0.16 -8.06 3.58
N ARG A 207 0.36 -8.37 4.77
CA ARG A 207 1.64 -9.07 5.02
C ARG A 207 2.89 -8.26 4.77
N ASP A 208 2.81 -7.00 4.36
CA ASP A 208 4.02 -6.20 4.23
C ASP A 208 3.69 -4.73 4.36
N LEU A 209 3.00 -4.39 5.43
CA LEU A 209 2.48 -3.03 5.59
C LEU A 209 3.44 -2.15 6.37
N HIS A 210 4.64 -2.05 5.81
CA HIS A 210 5.61 -1.12 6.36
C HIS A 210 5.23 0.31 6.04
N TRP A 211 5.90 1.29 6.64
CA TRP A 211 5.44 2.66 6.50
C TRP A 211 5.71 3.31 5.16
N GLY A 212 6.39 2.61 4.26
CA GLY A 212 6.41 3.06 2.89
C GLY A 212 5.14 2.74 2.08
N ASN A 213 4.27 1.89 2.66
CA ASN A 213 3.10 1.38 1.96
C ASN A 213 1.80 1.99 2.46
N VAL A 214 1.90 3.08 3.23
CA VAL A 214 0.76 3.85 3.75
C VAL A 214 0.83 5.18 3.08
N LEU A 215 -0.01 5.47 2.11
CA LEU A 215 0.00 6.77 1.44
C LEU A 215 -0.98 7.73 2.03
N LEU A 216 -0.60 9.01 2.06
CA LEU A 216 -1.41 10.07 2.66
C LEU A 216 -1.65 11.18 1.67
N LYS A 217 -2.89 11.65 1.57
CA LYS A 217 -3.17 12.81 0.75
CA LYS A 217 -3.16 12.82 0.76
C LYS A 217 -4.24 13.63 1.42
N LYS A 218 -4.25 14.94 1.13
CA LYS A 218 -5.22 15.83 1.73
C LYS A 218 -6.60 15.46 1.27
N THR A 219 -7.56 15.64 2.19
CA THR A 219 -8.99 15.58 1.87
C THR A 219 -9.69 16.74 2.56
N SER A 220 -10.69 17.27 1.86
CA SER A 220 -11.58 18.25 2.46
C SER A 220 -12.72 17.61 3.24
N LEU A 221 -12.86 16.27 3.19
CA LEU A 221 -13.88 15.64 4.03
C LEU A 221 -13.45 15.65 5.49
N LYS A 222 -14.39 15.94 6.37
CA LYS A 222 -14.09 15.93 7.79
C LYS A 222 -14.19 14.53 8.35
N LYS A 223 -15.04 13.73 7.76
CA LYS A 223 -15.33 12.35 8.23
C LYS A 223 -15.21 11.44 7.02
N LEU A 224 -14.59 10.28 7.24
CA LEU A 224 -14.52 9.22 6.21
C LEU A 224 -15.44 8.10 6.61
N HIS A 225 -15.96 7.38 5.61
CA HIS A 225 -17.00 6.40 5.81
C HIS A 225 -16.54 5.00 5.49
N TYR A 226 -16.94 4.03 6.30
CA TYR A 226 -16.79 2.63 5.96
C TYR A 226 -17.99 1.83 6.42
N THR A 227 -18.11 0.61 5.92
CA THR A 227 -19.14 -0.34 6.40
C THR A 227 -18.50 -1.68 6.60
N LEU A 228 -18.72 -2.26 7.79
CA LEU A 228 -18.17 -3.55 8.20
C LEU A 228 -19.33 -4.46 8.51
N ASN A 229 -19.45 -5.55 7.76
CA ASN A 229 -20.54 -6.52 7.93
C ASN A 229 -21.88 -5.84 8.13
N GLY A 230 -22.13 -4.86 7.28
CA GLY A 230 -23.41 -4.18 7.25
C GLY A 230 -23.60 -3.02 8.20
N LYS A 231 -22.64 -2.78 9.09
CA LYS A 231 -22.71 -1.67 10.03
C LYS A 231 -21.79 -0.54 9.58
N SER A 232 -22.34 0.60 9.30
CA SER A 232 -21.62 1.76 8.81
C SER A 232 -21.15 2.61 9.97
N SER A 233 -19.95 3.20 9.82
CA SER A 233 -19.46 4.17 10.79
C SER A 233 -18.56 5.19 10.09
N THR A 234 -18.04 6.13 10.87
CA THR A 234 -17.23 7.20 10.35
C THR A 234 -15.96 7.33 11.16
N ILE A 235 -14.97 7.98 10.54
CA ILE A 235 -13.67 8.22 11.15
C ILE A 235 -13.30 9.68 10.89
N PRO A 236 -13.02 10.46 11.93
CA PRO A 236 -12.53 11.81 11.66
C PRO A 236 -11.23 11.78 10.87
N SER A 237 -11.17 12.54 9.77
CA SER A 237 -10.04 12.46 8.86
C SER A 237 -8.78 13.19 9.35
N CYS A 238 -8.96 14.21 10.17
CA CYS A 238 -7.89 15.15 10.41
C CYS A 238 -7.27 15.66 9.11
N GLY A 239 -8.07 15.78 8.07
CA GLY A 239 -7.62 16.33 6.82
C GLY A 239 -6.84 15.43 5.89
N LEU A 240 -6.73 14.15 6.23
CA LEU A 240 -5.95 13.22 5.41
C LEU A 240 -6.75 11.98 5.11
N GLN A 241 -6.58 11.51 3.88
CA GLN A 241 -7.09 10.24 3.38
CA GLN A 241 -7.07 10.21 3.50
C GLN A 241 -5.93 9.26 3.25
N VAL A 242 -6.03 8.11 3.88
CA VAL A 242 -5.04 7.07 3.78
C VAL A 242 -5.37 6.13 2.63
N SER A 243 -4.36 5.71 1.87
CA SER A 243 -4.46 4.63 0.88
C SER A 243 -3.38 3.63 1.10
N ILE A 244 -3.76 2.37 1.27
CA ILE A 244 -2.81 1.24 1.40
C ILE A 244 -2.38 0.80 0.00
N ILE A 245 -1.09 0.53 -0.18
CA ILE A 245 -0.53 0.00 -1.42
C ILE A 245 0.31 -1.24 -1.17
N ASP A 246 0.75 -1.86 -2.28
CA ASP A 246 1.82 -2.91 -2.33
C ASP A 246 1.35 -4.24 -1.79
N TYR A 247 0.90 -5.07 -2.73
CA TYR A 247 0.34 -6.36 -2.38
C TYR A 247 1.32 -7.55 -2.60
N THR A 248 2.62 -7.27 -2.62
CA THR A 248 3.63 -8.33 -2.92
C THR A 248 3.45 -9.58 -2.14
N LEU A 249 3.24 -9.44 -0.87
CA LEU A 249 3.20 -10.56 0.02
C LEU A 249 1.76 -10.90 0.39
N SER A 250 0.77 -10.19 -0.19
CA SER A 250 -0.59 -10.28 0.33
C SER A 250 -1.30 -11.60 0.00
N ARG A 251 -2.38 -11.83 0.74
CA ARG A 251 -3.16 -13.08 0.66
C ARG A 251 -4.64 -12.69 0.74
N LEU A 252 -5.48 -13.28 -0.13
CA LEU A 252 -6.92 -13.23 0.01
C LEU A 252 -7.56 -14.42 -0.64
N GLU A 253 -8.88 -14.48 -0.54
CA GLU A 253 -9.58 -15.63 -1.10
C GLU A 253 -10.96 -15.21 -1.48
N ARG A 254 -11.47 -15.92 -2.48
CA ARG A 254 -12.89 -15.85 -2.84
C ARG A 254 -13.34 -17.28 -3.21
N ASP A 255 -14.39 -17.72 -2.55
CA ASP A 255 -14.94 -19.10 -2.77
C ASP A 255 -13.90 -20.20 -2.60
N GLY A 256 -13.06 -20.05 -1.58
CA GLY A 256 -12.03 -21.02 -1.26
C GLY A 256 -10.86 -21.07 -2.18
N ILE A 257 -10.78 -20.14 -3.14
CA ILE A 257 -9.65 -20.06 -4.01
C ILE A 257 -8.77 -18.99 -3.37
N VAL A 258 -7.57 -19.40 -2.99
CA VAL A 258 -6.66 -18.50 -2.25
C VAL A 258 -5.56 -18.01 -3.19
N VAL A 259 -5.34 -16.70 -3.18
CA VAL A 259 -4.26 -16.08 -3.89
C VAL A 259 -3.27 -15.59 -2.86
N PHE A 260 -2.01 -16.01 -2.91
CA PHE A 260 -1.01 -15.66 -1.86
C PHE A 260 0.40 -15.85 -2.39
N CYS A 261 1.36 -15.17 -1.80
CA CYS A 261 2.75 -15.32 -2.15
C CYS A 261 3.38 -16.32 -1.22
N ASP A 262 3.85 -17.46 -1.78
CA ASP A 262 4.40 -18.52 -0.96
C ASP A 262 5.87 -18.23 -0.66
N VAL A 263 6.15 -17.73 0.55
CA VAL A 263 7.49 -17.40 0.99
C VAL A 263 8.07 -18.45 1.94
N SER A 264 7.47 -19.65 1.94
CA SER A 264 7.89 -20.72 2.84
C SER A 264 9.36 -21.12 2.67
N MET A 265 9.91 -20.90 1.48
CA MET A 265 11.32 -21.28 1.20
C MET A 265 12.23 -20.05 1.07
N ASP A 266 11.68 -18.84 1.22
CA ASP A 266 12.51 -17.62 1.22
CA ASP A 266 12.51 -17.63 1.22
C ASP A 266 13.39 -17.63 2.46
N GLU A 267 14.66 -17.29 2.27
CA GLU A 267 15.58 -17.21 3.40
C GLU A 267 15.66 -15.76 3.84
N ASP A 268 15.99 -14.90 2.87
CA ASP A 268 16.36 -13.52 3.11
C ASP A 268 15.26 -12.83 3.92
N LEU A 269 14.01 -13.16 3.59
CA LEU A 269 12.88 -12.40 4.19
C LEU A 269 12.88 -12.41 5.69
N PHE A 270 13.37 -13.49 6.30
CA PHE A 270 13.26 -13.70 7.75
C PHE A 270 14.54 -13.40 8.51
N THR A 271 15.53 -12.86 7.82
CA THR A 271 16.84 -12.63 8.44
C THR A 271 17.27 -11.17 8.52
N GLY A 272 16.36 -10.22 8.33
CA GLY A 272 16.67 -8.81 8.43
C GLY A 272 16.88 -8.36 9.86
N ASP A 273 17.45 -7.17 10.02
CA ASP A 273 17.64 -6.59 11.35
CA ASP A 273 17.75 -6.59 11.34
C ASP A 273 17.73 -5.08 11.25
N GLY A 274 17.66 -4.40 12.39
CA GLY A 274 17.81 -2.95 12.44
C GLY A 274 16.52 -2.14 12.47
N ASP A 275 15.38 -2.83 12.40
CA ASP A 275 14.05 -2.20 12.41
CA ASP A 275 14.06 -2.21 12.40
C ASP A 275 13.08 -3.30 12.84
N TYR A 276 12.09 -2.91 13.65
CA TYR A 276 11.02 -3.81 14.03
C TYR A 276 10.31 -4.44 12.79
N GLN A 277 10.35 -3.74 11.65
CA GLN A 277 9.80 -4.29 10.41
C GLN A 277 10.27 -5.73 10.21
N PHE A 278 11.57 -5.98 10.40
CA PHE A 278 12.13 -7.31 10.11
C PHE A 278 11.75 -8.38 11.13
N ASP A 279 11.40 -7.97 12.34
CA ASP A 279 10.80 -8.89 13.31
C ASP A 279 9.41 -9.33 12.87
N ILE A 280 8.69 -8.43 12.21
CA ILE A 280 7.31 -8.77 11.83
C ILE A 280 7.26 -9.95 10.86
N TYR A 281 8.24 -10.03 9.94
CA TYR A 281 8.26 -11.17 9.06
C TYR A 281 8.44 -12.47 9.86
N ARG A 282 9.38 -12.45 10.81
CA ARG A 282 9.55 -13.60 11.70
C ARG A 282 8.34 -13.91 12.56
N LEU A 283 7.70 -12.89 13.09
CA LEU A 283 6.51 -13.09 13.88
C LEU A 283 5.34 -13.63 13.06
N MET A 284 5.22 -13.23 11.80
CA MET A 284 4.21 -13.82 10.92
C MET A 284 4.47 -15.31 10.70
N LYS A 285 5.75 -15.65 10.48
CA LYS A 285 6.11 -17.06 10.26
C LYS A 285 5.83 -17.92 11.49
N LYS A 286 6.08 -17.35 12.65
CA LYS A 286 5.74 -18.02 13.89
C LYS A 286 4.23 -18.26 14.00
N GLU A 287 3.42 -17.22 13.73
CA GLU A 287 1.98 -17.34 13.78
C GLU A 287 1.37 -18.36 12.84
N ASN A 288 1.91 -18.44 11.61
CA ASN A 288 1.32 -19.28 10.59
C ASN A 288 2.03 -20.62 10.40
N ASN A 289 3.06 -20.86 11.21
CA ASN A 289 3.81 -22.15 11.14
C ASN A 289 4.38 -22.36 9.77
N ASN A 290 4.78 -21.24 9.14
CA ASN A 290 5.32 -21.22 7.80
C ASN A 290 4.38 -21.79 6.71
N ARG A 291 3.06 -21.77 6.98
CA ARG A 291 2.05 -22.13 6.02
C ARG A 291 1.29 -20.86 5.53
N TRP A 292 1.78 -20.34 4.41
CA TRP A 292 1.33 -18.99 3.92
C TRP A 292 -0.01 -19.03 3.22
N GLY A 293 -0.51 -20.21 2.86
CA GLY A 293 -1.84 -20.29 2.27
C GLY A 293 -2.99 -20.15 3.26
N GLU A 294 -2.71 -20.43 4.52
CA GLU A 294 -3.72 -20.36 5.55
C GLU A 294 -4.08 -18.88 5.78
N TYR A 295 -5.20 -18.68 6.45
CA TYR A 295 -5.67 -17.35 6.90
C TYR A 295 -5.32 -17.12 8.34
N HIS A 296 -4.44 -16.16 8.58
CA HIS A 296 -4.05 -15.73 9.92
C HIS A 296 -4.15 -14.19 9.99
N PRO A 297 -5.35 -13.68 10.28
CA PRO A 297 -5.50 -12.22 10.31
C PRO A 297 -4.74 -11.56 11.43
N TYR A 298 -4.18 -12.33 12.37
CA TYR A 298 -3.27 -11.76 13.31
C TYR A 298 -2.10 -11.03 12.64
N SER A 299 -1.71 -11.43 11.42
CA SER A 299 -0.63 -10.70 10.74
C SER A 299 -0.99 -9.23 10.55
N ASN A 300 -2.28 -8.92 10.32
CA ASN A 300 -2.68 -7.52 10.17
C ASN A 300 -2.49 -6.77 11.50
N VAL A 301 -2.76 -7.46 12.60
CA VAL A 301 -2.50 -6.87 13.93
C VAL A 301 -1.02 -6.60 14.13
N LEU A 302 -0.17 -7.56 13.72
CA LEU A 302 1.27 -7.34 13.83
C LEU A 302 1.71 -6.11 13.06
N TRP A 303 1.23 -5.94 11.81
CA TRP A 303 1.62 -4.76 11.05
C TRP A 303 1.08 -3.49 11.68
N LEU A 304 -0.15 -3.51 12.18
CA LEU A 304 -0.69 -2.32 12.85
C LEU A 304 0.11 -1.97 14.10
N HIS A 305 0.64 -2.99 14.79
CA HIS A 305 1.49 -2.75 15.95
C HIS A 305 2.79 -2.10 15.49
N TYR A 306 3.41 -2.62 14.46
CA TYR A 306 4.61 -2.01 13.90
C TYR A 306 4.35 -0.55 13.48
N LEU A 307 3.17 -0.25 12.93
CA LEU A 307 2.87 1.12 12.55
C LEU A 307 2.63 2.01 13.74
N THR A 308 1.98 1.50 14.76
CA THR A 308 1.74 2.25 15.99
C THR A 308 3.10 2.57 16.64
N ASP A 309 3.99 1.60 16.60
CA ASP A 309 5.36 1.74 17.14
C ASP A 309 6.06 2.87 16.38
N LYS A 310 5.96 2.90 15.04
CA LYS A 310 6.51 4.02 14.27
C LYS A 310 5.89 5.31 14.65
N MET A 311 4.60 5.38 14.89
CA MET A 311 3.94 6.65 15.26
CA MET A 311 4.03 6.68 15.24
C MET A 311 4.51 7.20 16.56
N LEU A 312 4.78 6.32 17.51
CA LEU A 312 5.23 6.74 18.86
C LEU A 312 6.69 6.97 18.91
N LYS A 313 7.49 6.32 18.08
CA LYS A 313 8.97 6.32 18.25
C LYS A 313 9.74 7.04 17.15
N GLN A 314 9.25 7.04 15.93
CA GLN A 314 9.97 7.62 14.80
C GLN A 314 9.29 8.85 14.19
N MET A 315 7.97 8.95 14.17
CA MET A 315 7.27 10.13 13.67
C MET A 315 7.57 11.28 14.65
N THR A 316 7.64 12.50 14.11
CA THR A 316 7.79 13.71 14.96
C THR A 316 6.82 14.74 14.41
N PHE A 317 6.05 15.34 15.30
CA PHE A 317 4.91 16.12 14.93
C PHE A 317 5.12 17.61 15.14
N LYS A 318 4.46 18.43 14.34
CA LYS A 318 4.64 19.87 14.39
C LYS A 318 4.17 20.43 15.69
N THR A 319 3.09 19.88 16.23
CA THR A 319 2.52 20.30 17.49
C THR A 319 2.49 19.13 18.43
N LYS A 320 3.19 19.23 19.56
CA LYS A 320 3.14 18.22 20.61
C LYS A 320 1.82 18.25 21.36
N CYS A 321 1.57 17.23 22.17
CA CYS A 321 0.32 17.13 22.89
CA CYS A 321 0.35 17.11 22.94
C CYS A 321 0.52 17.99 24.16
N ASN A 322 0.09 19.23 24.02
CA ASN A 322 0.32 20.26 25.00
C ASN A 322 -1.02 20.52 25.80
N THR A 323 -2.17 20.06 25.28
CA THR A 323 -3.51 20.21 25.95
C THR A 323 -4.10 18.89 26.52
N PRO A 324 -5.18 18.98 27.34
CA PRO A 324 -5.72 17.74 27.94
C PRO A 324 -6.33 16.72 26.95
N ALA A 325 -7.14 17.20 26.01
CA ALA A 325 -7.75 16.32 25.02
C ALA A 325 -6.67 15.65 24.18
N MET A 326 -5.62 16.40 23.86
CA MET A 326 -4.51 15.88 23.06
CA MET A 326 -4.51 15.88 23.05
C MET A 326 -3.70 14.90 23.88
N LYS A 327 -3.44 15.26 25.13
CA LYS A 327 -2.75 14.38 26.05
C LYS A 327 -3.44 13.03 26.24
N GLN A 328 -4.78 13.04 26.24
CA GLN A 328 -5.53 11.80 26.35
C GLN A 328 -5.39 10.99 25.07
N ILE A 329 -5.34 11.65 23.92
CA ILE A 329 -5.08 10.93 22.68
C ILE A 329 -3.75 10.21 22.73
N LYS A 330 -2.70 10.90 23.15
CA LYS A 330 -1.38 10.28 23.33
C LYS A 330 -1.43 9.04 24.22
N ARG A 331 -2.02 9.21 25.40
CA ARG A 331 -2.15 8.08 26.31
C ARG A 331 -2.91 6.93 25.65
N LYS A 332 -3.97 7.22 24.90
CA LYS A 332 -4.72 6.15 24.29
C LYS A 332 -3.89 5.42 23.21
N ILE A 333 -3.07 6.15 22.46
CA ILE A 333 -2.23 5.50 21.44
C ILE A 333 -1.12 4.65 22.12
N GLN A 334 -0.58 5.13 23.25
CA GLN A 334 0.35 4.32 24.02
C GLN A 334 -0.33 3.06 24.57
N GLU A 335 -1.56 3.21 25.07
CA GLU A 335 -2.30 2.04 25.54
C GLU A 335 -2.58 1.05 24.39
N PHE A 336 -2.93 1.57 23.22
CA PHE A 336 -3.09 0.75 22.01
C PHE A 336 -1.84 -0.07 21.75
N HIS A 337 -0.69 0.59 21.76
CA HIS A 337 0.58 -0.07 21.53
C HIS A 337 0.85 -1.26 22.46
N ARG A 338 0.47 -1.06 23.71
CA ARG A 338 0.74 -2.04 24.77
CA ARG A 338 0.72 -2.00 24.83
C ARG A 338 -0.28 -3.15 24.87
N THR A 339 -1.44 -2.99 24.24
CA THR A 339 -2.52 -3.96 24.36
C THR A 339 -2.93 -4.68 23.06
N MET A 340 -2.66 -4.02 21.93
CA MET A 340 -3.26 -4.46 20.65
C MET A 340 -2.81 -5.86 20.23
N LEU A 341 -1.61 -6.31 20.66
CA LEU A 341 -1.16 -7.64 20.31
C LEU A 341 -1.97 -8.77 20.96
N ASN A 342 -2.88 -8.39 21.85
CA ASN A 342 -3.81 -9.33 22.47
C ASN A 342 -5.17 -9.40 21.77
N PHE A 343 -5.19 -8.88 20.52
CA PHE A 343 -6.40 -8.96 19.67
C PHE A 343 -6.10 -9.87 18.47
N SER A 344 -7.13 -10.51 17.94
CA SER A 344 -6.93 -11.59 17.00
CA SER A 344 -6.95 -11.61 17.00
C SER A 344 -6.92 -11.18 15.54
N SER A 345 -7.36 -9.94 15.24
CA SER A 345 -7.52 -9.49 13.85
C SER A 345 -7.73 -8.00 13.88
N ALA A 346 -7.64 -7.36 12.72
CA ALA A 346 -8.04 -5.98 12.61
C ALA A 346 -9.51 -5.77 12.95
N THR A 347 -10.33 -6.75 12.58
CA THR A 347 -11.75 -6.69 12.87
C THR A 347 -11.98 -6.62 14.39
N ASP A 348 -11.30 -7.50 15.12
CA ASP A 348 -11.37 -7.49 16.61
C ASP A 348 -10.89 -6.15 17.15
N LEU A 349 -9.79 -5.60 16.64
CA LEU A 349 -9.33 -4.29 17.10
C LEU A 349 -10.37 -3.21 16.88
N LEU A 350 -10.89 -3.17 15.66
CA LEU A 350 -11.81 -2.12 15.31
C LEU A 350 -13.07 -2.18 16.19
N CYS A 351 -13.58 -3.38 16.36
CA CYS A 351 -14.85 -3.56 17.04
C CYS A 351 -14.72 -3.49 18.55
N GLN A 352 -13.55 -3.86 19.10
CA GLN A 352 -13.42 -4.02 20.58
CA GLN A 352 -13.44 -4.00 20.57
C GLN A 352 -12.47 -3.06 21.23
N HIS A 353 -11.48 -2.53 20.53
CA HIS A 353 -10.47 -1.74 21.21
C HIS A 353 -10.98 -0.37 21.63
N SER A 354 -10.64 0.02 22.84
CA SER A 354 -11.05 1.32 23.36
C SER A 354 -10.57 2.53 22.59
N LEU A 355 -9.50 2.42 21.81
CA LEU A 355 -9.01 3.54 21.08
C LEU A 355 -10.07 4.07 20.10
N PHE A 356 -10.94 3.20 19.64
CA PHE A 356 -11.91 3.55 18.58
C PHE A 356 -13.29 3.87 19.10
N LYS A 357 -13.44 3.96 20.42
CA LYS A 357 -14.76 4.19 20.99
C LYS A 357 -14.94 5.67 21.22
C1 MPD B . -9.76 -15.98 -6.22
C2 MPD B . -10.28 -14.86 -7.08
O2 MPD B . -11.72 -14.99 -7.26
CM MPD B . -10.03 -13.56 -6.30
C3 MPD B . -9.52 -14.79 -8.42
C4 MPD B . -9.92 -15.68 -9.60
O4 MPD B . -9.69 -17.07 -9.28
C5 MPD B . -11.37 -15.47 -10.07
C1 GOL C . -16.82 -1.27 13.95
O1 GOL C . -17.39 -0.68 15.10
C2 GOL C . -17.95 -1.63 12.98
O2 GOL C . -18.85 -2.63 13.43
C3 GOL C . -18.77 -0.35 12.92
O3 GOL C . -19.14 -0.03 11.60
C1 GOL D . -2.94 -13.23 20.18
O1 GOL D . -4.18 -12.49 20.21
C2 GOL D . -3.12 -14.55 19.40
O2 GOL D . -1.90 -14.87 18.69
C3 GOL D . -4.28 -14.49 18.40
O3 GOL D . -3.93 -15.23 17.23
O1 38Z E . 9.31 4.49 -4.46
C20 38Z E . 8.58 5.20 -3.78
N5 38Z E . 7.23 5.29 -3.90
C21 38Z E . 6.39 4.33 -4.53
C26 38Z E . 5.12 4.78 -4.86
C25 38Z E . 4.17 3.87 -5.34
C27 38Z E . 2.74 3.88 -5.72
C28 38Z E . 1.78 5.00 -5.75
C32 38Z E . 2.12 6.29 -5.38
C31 38Z E . 1.13 7.26 -5.34
N6 38Z E . -0.16 7.03 -5.67
C30 38Z E . -0.46 5.79 -6.04
C29 38Z E . 0.45 4.76 -6.10
N7 38Z E . 2.38 2.68 -6.04
N8 38Z E . 3.44 1.85 -5.93
C24 38Z E . 4.55 2.54 -5.50
C23 38Z E . 5.83 2.10 -5.20
C22 38Z E . 6.75 3.02 -4.74
C19 38Z E . 9.09 5.97 -2.57
C 38Z E . 9.56 7.26 -3.16
C18 38Z E . 10.25 5.32 -1.76
N 38Z E . 11.40 5.97 -2.42
C1 38Z E . 10.99 6.94 -3.43
C2 38Z E . 12.82 5.67 -2.20
C3 38Z E . 13.69 6.02 -3.41
O 38Z E . 13.20 6.02 -4.54
N1 38Z E . 14.97 6.37 -3.21
C7 38Z E . 15.70 6.32 -1.93
C6 38Z E . 16.98 5.51 -2.09
N2 38Z E . 17.79 6.03 -3.21
C5 38Z E . 17.17 7.17 -3.89
C4 38Z E . 15.77 6.84 -4.34
C8 38Z E . 18.99 5.47 -3.68
C13 38Z E . 19.21 4.09 -3.66
C12 38Z E . 20.31 3.54 -4.31
C11 38Z E . 21.21 4.33 -5.01
C10 38Z E . 21.03 5.71 -4.96
C9 38Z E . 19.94 6.27 -4.30
C14 38Z E . 22.22 3.73 -5.93
N4 38Z E . 22.30 2.39 -5.96
C17 38Z E . 23.13 1.88 -6.89
C16 38Z E . 23.87 2.65 -7.75
C15 38Z E . 23.72 4.00 -7.61
N3 38Z E . 22.92 4.57 -6.71
#